data_8X1W
#
_entry.id   8X1W
#
_cell.length_a   196.020
_cell.length_b   196.020
_cell.length_c   196.020
_cell.angle_alpha   90.00
_cell.angle_beta   90.00
_cell.angle_gamma   90.00
#
_symmetry.space_group_name_H-M   'I 4 3 2'
#
loop_
_entity.id
_entity.type
_entity.pdbx_description
1 polymer 'Taxadiene 5-alpha hydroxylase'
2 non-polymer 'PROTOPORPHYRIN IX CONTAINING FE'
3 water water
#
_entity_poly.entity_id   1
_entity_poly.type   'polypeptide(L)'
_entity_poly.pdbx_seq_one_letter_code
;FIGESFIFLRALRSNSLEQFFDERVKKFGLVFKTSLIGHPTVVLCGPAGNRLILSNEEKLVQMSWPAQFMKLMGENSVAT
RRGEDHIVMRSALAGFFGPGALQSYIGKMNTEIQSHINEKWKGKDEVNVLPLVRELVFNISAILFFNIYDKQEQDRLHKL
LETILVGSFALPIDLPGFGFHRALQGRAKLNKIMLSLIKKRKEDLQSGSATATQDLLSVLLTFRDDKGTPLTNDEILDNF
SSLLHASYDTTTSPMALIFKLLSSNPECYQKVVQEQLEILSNKEEGEEITWKDLKAMKYTWQVAQETLRMFPPVFGTFRK
AITDIQYDGYTIPKGWKLLWTTYSTHPKDLYFNEPEKFMPSRFDQEGKHVAPYTFLPFGGGQRSCVGWEFSKMEILLFVH
HFVKTFSSYTPVDPDEKISGDPLPPLPSKGFSIKLFPRP
;
_entity_poly.pdbx_strand_id   A
#
# COMPACT_ATOMS: atom_id res chain seq x y z
N PHE A 1 -17.25 25.48 -2.81
CA PHE A 1 -17.09 26.14 -1.50
C PHE A 1 -16.10 25.34 -0.64
N ILE A 2 -15.46 26.00 0.33
CA ILE A 2 -14.46 25.32 1.21
C ILE A 2 -15.15 24.16 1.93
N GLY A 3 -16.36 24.38 2.44
CA GLY A 3 -17.07 23.34 3.21
C GLY A 3 -16.29 22.95 4.45
N GLU A 4 -16.12 21.65 4.69
CA GLU A 4 -15.35 21.17 5.87
C GLU A 4 -13.97 20.68 5.41
N SER A 5 -13.56 21.06 4.20
CA SER A 5 -12.27 20.59 3.65
C SER A 5 -11.12 21.06 4.55
N PHE A 6 -11.15 22.33 4.98
CA PHE A 6 -10.05 22.89 5.80
C PHE A 6 -9.96 22.15 7.14
N ILE A 7 -11.09 21.96 7.82
CA ILE A 7 -11.07 21.29 9.15
C ILE A 7 -10.58 19.86 8.96
N PHE A 8 -11.03 19.19 7.90
CA PHE A 8 -10.58 17.80 7.63
C PHE A 8 -9.07 17.80 7.40
N LEU A 9 -8.59 18.69 6.53
CA LEU A 9 -7.14 18.78 6.25
C LEU A 9 -6.41 19.01 7.59
N ARG A 10 -6.90 19.96 8.39
CA ARG A 10 -6.28 20.24 9.68
C ARG A 10 -6.20 18.99 10.54
N ALA A 11 -7.28 18.22 10.60
CA ALA A 11 -7.29 17.02 11.43
C ALA A 11 -6.37 15.95 10.87
N LEU A 12 -6.34 15.84 9.54
CA LEU A 12 -5.48 14.81 8.88
C LEU A 12 -4.03 15.02 9.30
N ARG A 13 -3.48 16.20 9.00
CA ARG A 13 -2.08 16.53 9.37
C ARG A 13 -1.94 16.41 10.88
N SER A 14 -2.96 16.83 11.63
CA SER A 14 -2.91 16.76 13.11
C SER A 14 -2.67 15.31 13.53
N ASN A 15 -2.81 14.37 12.58
CA ASN A 15 -2.58 12.93 12.88
C ASN A 15 -3.66 12.42 13.84
N SER A 16 -4.80 13.13 13.91
CA SER A 16 -5.93 12.66 14.74
C SER A 16 -6.95 11.97 13.81
N LEU A 17 -7.75 12.76 13.08
CA LEU A 17 -8.71 12.20 12.09
C LEU A 17 -9.82 11.42 12.83
N GLU A 18 -9.44 10.44 13.65
CA GLU A 18 -10.44 9.67 14.43
C GLU A 18 -11.42 10.65 15.08
N GLN A 19 -10.90 11.73 15.67
CA GLN A 19 -11.76 12.74 16.33
C GLN A 19 -12.66 13.38 15.27
N PHE A 20 -12.08 13.78 14.15
CA PHE A 20 -12.86 14.42 13.06
C PHE A 20 -14.15 13.63 12.84
N PHE A 21 -14.01 12.30 12.72
CA PHE A 21 -15.20 11.47 12.51
C PHE A 21 -15.98 11.27 13.81
N ASP A 22 -15.28 11.07 14.93
CA ASP A 22 -15.95 10.79 16.20
C ASP A 22 -16.95 11.88 16.55
N GLU A 23 -16.52 13.15 16.56
CA GLU A 23 -17.40 14.23 16.96
C GLU A 23 -18.58 14.38 16.00
N ARG A 24 -18.37 14.11 14.71
CA ARG A 24 -19.49 14.12 13.77
C ARG A 24 -20.42 12.94 14.00
N VAL A 25 -19.88 11.80 14.45
CA VAL A 25 -20.76 10.63 14.76
C VAL A 25 -21.52 10.95 16.04
N LYS A 26 -20.86 11.61 17.00
CA LYS A 26 -21.52 11.97 18.29
C LYS A 26 -22.65 12.97 18.02
N LYS A 27 -22.45 13.90 17.07
CA LYS A 27 -23.45 14.96 16.83
C LYS A 27 -24.51 14.51 15.82
N PHE A 28 -24.13 13.75 14.79
CA PHE A 28 -25.11 13.41 13.73
C PHE A 28 -25.32 11.89 13.64
N GLY A 29 -24.28 11.11 13.92
CA GLY A 29 -24.39 9.65 13.79
C GLY A 29 -23.42 9.10 12.76
N LEU A 30 -23.49 7.80 12.47
CA LEU A 30 -22.54 7.15 11.53
C LEU A 30 -22.75 7.71 10.12
N VAL A 31 -24.00 7.87 9.70
CA VAL A 31 -24.31 8.42 8.35
C VAL A 31 -24.55 9.92 8.47
N PHE A 32 -23.53 10.74 8.16
CA PHE A 32 -23.68 12.17 8.30
C PHE A 32 -23.19 12.91 7.06
N LYS A 33 -23.62 14.16 6.96
CA LYS A 33 -23.33 15.02 5.83
C LYS A 33 -22.13 15.90 6.10
N THR A 34 -21.39 16.20 5.04
CA THR A 34 -20.21 17.07 5.10
C THR A 34 -19.84 17.48 3.68
N SER A 35 -18.94 18.45 3.59
CA SER A 35 -18.43 18.95 2.31
C SER A 35 -16.91 18.81 2.33
N LEU A 36 -16.37 18.11 1.32
CA LEU A 36 -14.94 17.84 1.26
C LEU A 36 -14.44 18.05 -0.16
N ILE A 37 -13.34 18.79 -0.28
CA ILE A 37 -12.69 19.09 -1.55
C ILE A 37 -13.73 19.61 -2.55
N GLY A 38 -14.59 20.50 -2.08
CA GLY A 38 -15.56 21.14 -2.96
C GLY A 38 -16.72 20.28 -3.39
N HIS A 39 -16.95 19.14 -2.75
CA HIS A 39 -18.07 18.30 -3.13
C HIS A 39 -18.93 17.96 -1.92
N PRO A 40 -20.23 17.82 -2.12
CA PRO A 40 -21.11 17.28 -1.06
C PRO A 40 -20.79 15.82 -0.79
N THR A 41 -20.43 15.52 0.45
CA THR A 41 -19.91 14.21 0.82
C THR A 41 -20.71 13.64 1.99
N VAL A 42 -20.95 12.33 1.95
CA VAL A 42 -21.61 11.62 3.04
C VAL A 42 -20.67 10.52 3.52
N VAL A 43 -20.32 10.57 4.80
CA VAL A 43 -19.43 9.58 5.41
C VAL A 43 -20.28 8.47 6.02
N LEU A 44 -20.00 7.24 5.68
CA LEU A 44 -20.72 6.10 6.22
C LEU A 44 -19.80 5.32 7.11
N CYS A 45 -19.88 5.57 8.41
CA CYS A 45 -19.04 4.93 9.41
C CYS A 45 -19.57 3.54 9.77
N GLY A 46 -18.66 2.68 10.21
CA GLY A 46 -19.03 1.38 10.73
C GLY A 46 -19.19 0.32 9.66
N PRO A 47 -19.22 -0.95 10.10
CA PRO A 47 -19.26 -2.08 9.15
C PRO A 47 -20.39 -1.99 8.14
N ALA A 48 -21.60 -1.62 8.56
CA ALA A 48 -22.72 -1.52 7.64
C ALA A 48 -22.44 -0.49 6.54
N GLY A 49 -21.91 0.68 6.91
CA GLY A 49 -21.56 1.67 5.92
C GLY A 49 -20.44 1.20 5.01
N ASN A 50 -19.47 0.46 5.56
CA ASN A 50 -18.40 -0.09 4.75
C ASN A 50 -18.93 -1.02 3.67
N ARG A 51 -19.87 -1.91 4.04
CA ARG A 51 -20.44 -2.83 3.06
C ARG A 51 -21.18 -2.08 1.95
N LEU A 52 -21.94 -1.03 2.30
CA LEU A 52 -22.66 -0.26 1.30
C LEU A 52 -21.71 0.29 0.24
N ILE A 53 -20.73 1.08 0.68
CA ILE A 53 -19.78 1.69 -0.24
C ILE A 53 -18.99 0.63 -0.99
N LEU A 54 -18.33 -0.27 -0.25
CA LEU A 54 -17.30 -1.13 -0.84
C LEU A 54 -17.87 -2.23 -1.73
N SER A 55 -19.03 -2.78 -1.40
CA SER A 55 -19.54 -3.97 -2.08
C SER A 55 -20.46 -3.67 -3.25
N ASN A 56 -20.71 -2.40 -3.55
CA ASN A 56 -21.69 -2.02 -4.58
C ASN A 56 -21.04 -1.15 -5.67
N GLU A 57 -19.85 -1.53 -6.11
CA GLU A 57 -19.19 -0.79 -7.18
C GLU A 57 -19.87 -1.09 -8.51
N GLU A 58 -20.19 -0.04 -9.25
CA GLU A 58 -20.91 -0.01 -10.53
C GLU A 58 -22.40 -0.29 -10.35
N LYS A 59 -22.86 -0.59 -9.14
CA LYS A 59 -24.29 -0.71 -8.86
C LYS A 59 -24.86 0.61 -8.35
N LEU A 60 -24.31 1.13 -7.25
CA LEU A 60 -24.74 2.39 -6.68
C LEU A 60 -23.66 3.46 -6.64
N VAL A 61 -22.39 3.09 -6.73
CA VAL A 61 -21.29 4.03 -6.62
C VAL A 61 -20.26 3.71 -7.70
N GLN A 62 -19.33 4.64 -7.88
CA GLN A 62 -18.17 4.45 -8.73
C GLN A 62 -16.99 5.16 -8.08
N MET A 63 -15.80 4.59 -8.26
CA MET A 63 -14.58 5.22 -7.77
C MET A 63 -14.50 6.65 -8.28
N SER A 64 -14.16 7.56 -7.38
CA SER A 64 -14.01 8.97 -7.72
C SER A 64 -12.69 9.47 -7.16
N TRP A 65 -11.84 9.95 -8.04
CA TRP A 65 -10.60 10.55 -7.57
C TRP A 65 -10.67 12.06 -7.68
N PRO A 66 -10.06 12.78 -6.76
CA PRO A 66 -9.99 14.24 -6.88
C PRO A 66 -9.16 14.62 -8.10
N ALA A 67 -9.53 15.76 -8.69
CA ALA A 67 -8.94 16.19 -9.96
C ALA A 67 -7.42 16.12 -9.95
N GLN A 68 -6.79 16.56 -8.86
CA GLN A 68 -5.33 16.62 -8.84
C GLN A 68 -4.70 15.23 -8.94
N PHE A 69 -5.30 14.23 -8.28
CA PHE A 69 -4.79 12.87 -8.38
C PHE A 69 -4.96 12.33 -9.80
N MET A 70 -6.06 12.68 -10.45
CA MET A 70 -6.27 12.26 -11.85
C MET A 70 -5.17 12.80 -12.74
N LYS A 71 -4.75 14.04 -12.52
CA LYS A 71 -3.72 14.63 -13.36
C LYS A 71 -2.35 14.01 -13.11
N LEU A 72 -2.07 13.59 -11.88
CA LEU A 72 -0.76 13.02 -11.55
C LEU A 72 -0.70 11.53 -11.92
N MET A 73 -1.79 10.79 -11.73
CA MET A 73 -1.77 9.37 -12.07
C MET A 73 -2.06 9.14 -13.55
N GLY A 74 -2.85 10.01 -14.15
CA GLY A 74 -3.34 9.79 -15.50
C GLY A 74 -4.78 9.28 -15.49
N GLU A 75 -5.48 9.50 -16.60
CA GLU A 75 -6.86 9.08 -16.71
C GLU A 75 -7.01 7.66 -17.28
N ASN A 76 -5.90 6.98 -17.58
CA ASN A 76 -5.94 5.68 -18.25
C ASN A 76 -5.44 4.54 -17.37
N SER A 77 -5.51 4.67 -16.05
CA SER A 77 -5.05 3.60 -15.18
C SER A 77 -6.23 2.78 -14.66
N VAL A 78 -5.91 1.65 -14.01
CA VAL A 78 -6.94 0.84 -13.39
C VAL A 78 -7.70 1.62 -12.33
N ALA A 79 -7.02 2.57 -11.67
CA ALA A 79 -7.65 3.33 -10.59
C ALA A 79 -8.57 4.43 -11.11
N THR A 80 -8.28 4.98 -12.28
CA THR A 80 -9.05 6.09 -12.83
C THR A 80 -10.08 5.64 -13.88
N ARG A 81 -10.07 4.38 -14.28
CA ARG A 81 -11.05 3.85 -15.21
C ARG A 81 -12.18 3.16 -14.44
N ARG A 82 -13.34 3.07 -15.10
CA ARG A 82 -14.54 2.52 -14.48
C ARG A 82 -15.19 1.52 -15.43
N GLY A 83 -16.16 0.79 -14.90
CA GLY A 83 -16.93 -0.12 -15.74
C GLY A 83 -16.08 -1.19 -16.38
N GLU A 84 -16.43 -1.52 -17.63
CA GLU A 84 -15.80 -2.64 -18.32
C GLU A 84 -14.29 -2.45 -18.44
N ASP A 85 -13.84 -1.23 -18.68
CA ASP A 85 -12.40 -0.98 -18.79
C ASP A 85 -11.69 -1.30 -17.48
N HIS A 86 -12.32 -1.03 -16.35
CA HIS A 86 -11.72 -1.37 -15.06
C HIS A 86 -11.56 -2.89 -14.92
N ILE A 87 -12.60 -3.65 -15.25
CA ILE A 87 -12.55 -5.10 -15.08
C ILE A 87 -11.47 -5.71 -15.98
N VAL A 88 -11.28 -5.16 -17.18
CA VAL A 88 -10.24 -5.67 -18.06
C VAL A 88 -8.85 -5.39 -17.47
N MET A 89 -8.65 -4.19 -16.94
CA MET A 89 -7.35 -3.84 -16.38
C MET A 89 -7.03 -4.68 -15.16
N ARG A 90 -8.03 -4.98 -14.33
CA ARG A 90 -7.80 -5.87 -13.19
C ARG A 90 -7.43 -7.26 -13.68
N SER A 91 -8.05 -7.71 -14.77
CA SER A 91 -7.70 -9.00 -15.35
C SER A 91 -6.27 -9.01 -15.87
N ALA A 92 -5.86 -7.92 -16.54
CA ALA A 92 -4.48 -7.82 -16.98
C ALA A 92 -3.52 -7.81 -15.79
N LEU A 93 -3.84 -7.04 -14.75
CA LEU A 93 -2.99 -6.99 -13.57
C LEU A 93 -2.95 -8.32 -12.84
N ALA A 94 -4.06 -9.06 -12.84
CA ALA A 94 -4.08 -10.36 -12.19
C ALA A 94 -3.09 -11.34 -12.82
N GLY A 95 -2.63 -11.07 -14.04
CA GLY A 95 -1.60 -11.90 -14.67
C GLY A 95 -0.24 -11.78 -14.02
N PHE A 96 -0.05 -10.78 -13.16
CA PHE A 96 1.18 -10.61 -12.40
C PHE A 96 0.95 -10.68 -10.90
N PHE A 97 -0.14 -10.09 -10.40
CA PHE A 97 -0.43 -10.04 -8.97
C PHE A 97 -1.25 -11.21 -8.47
N GLY A 98 -1.81 -12.02 -9.36
CA GLY A 98 -2.62 -13.15 -8.96
C GLY A 98 -1.80 -14.19 -8.20
N PRO A 99 -2.46 -14.95 -7.32
CA PRO A 99 -1.72 -15.89 -6.47
C PRO A 99 -0.83 -16.85 -7.24
N GLY A 100 -1.37 -17.47 -8.31
CA GLY A 100 -0.55 -18.35 -9.13
C GLY A 100 0.62 -17.63 -9.76
N ALA A 101 0.41 -16.39 -10.20
CA ALA A 101 1.47 -15.63 -10.84
C ALA A 101 2.52 -15.16 -9.84
N LEU A 102 2.08 -14.66 -8.68
CA LEU A 102 3.01 -14.09 -7.70
C LEU A 102 4.09 -15.09 -7.29
N GLN A 103 3.76 -16.38 -7.25
CA GLN A 103 4.71 -17.39 -6.80
C GLN A 103 5.97 -17.42 -7.66
N SER A 104 5.89 -17.01 -8.92
CA SER A 104 7.06 -17.07 -9.79
C SER A 104 8.03 -15.92 -9.55
N TYR A 105 7.66 -14.93 -8.75
CA TYR A 105 8.53 -13.80 -8.46
C TYR A 105 9.16 -13.85 -7.08
N ILE A 106 8.82 -14.85 -6.26
CA ILE A 106 9.34 -14.91 -4.90
C ILE A 106 10.86 -15.02 -4.91
N GLY A 107 11.41 -15.76 -5.87
CA GLY A 107 12.85 -15.88 -5.97
C GLY A 107 13.55 -14.54 -6.15
N LYS A 108 13.08 -13.74 -7.12
CA LYS A 108 13.69 -12.44 -7.35
C LYS A 108 13.54 -11.52 -6.15
N MET A 109 12.35 -11.51 -5.53
CA MET A 109 12.14 -10.69 -4.35
C MET A 109 13.00 -11.15 -3.19
N ASN A 110 13.04 -12.47 -2.94
CA ASN A 110 13.85 -13.01 -1.85
C ASN A 110 15.31 -12.63 -2.01
N THR A 111 15.84 -12.74 -3.25
CA THR A 111 17.24 -12.43 -3.49
C THR A 111 17.57 -10.97 -3.17
N GLU A 112 16.71 -10.04 -3.60
CA GLU A 112 16.97 -8.63 -3.36
C GLU A 112 16.92 -8.30 -1.88
N ILE A 113 15.92 -8.80 -1.16
CA ILE A 113 15.83 -8.57 0.27
C ILE A 113 17.05 -9.15 0.98
N GLN A 114 17.43 -10.36 0.60
CA GLN A 114 18.61 -10.99 1.18
C GLN A 114 19.87 -10.17 0.91
N SER A 115 20.05 -9.73 -0.34
CA SER A 115 21.22 -8.92 -0.69
C SER A 115 21.20 -7.57 0.04
N HIS A 116 20.02 -6.97 0.16
CA HIS A 116 19.92 -5.68 0.83
C HIS A 116 20.30 -5.78 2.30
N ILE A 117 19.75 -6.79 2.99
CA ILE A 117 20.05 -6.97 4.41
C ILE A 117 21.54 -7.21 4.63
N ASN A 118 22.12 -8.07 3.80
CA ASN A 118 23.52 -8.38 3.94
C ASN A 118 24.44 -7.21 3.64
N GLU A 119 24.03 -6.36 2.71
CA GLU A 119 24.90 -5.26 2.29
C GLU A 119 24.77 -4.03 3.19
N LYS A 120 23.55 -3.72 3.66
CA LYS A 120 23.31 -2.47 4.36
C LYS A 120 22.93 -2.61 5.83
N TRP A 121 22.67 -3.82 6.32
CA TRP A 121 22.34 -4.03 7.72
C TRP A 121 23.37 -4.89 8.43
N LYS A 122 23.80 -6.00 7.82
CA LYS A 122 24.51 -7.05 8.53
C LYS A 122 25.76 -6.54 9.24
N GLY A 123 26.49 -5.62 8.63
CA GLY A 123 27.75 -5.17 9.21
C GLY A 123 27.68 -3.86 9.98
N LYS A 124 26.49 -3.36 10.28
CA LYS A 124 26.34 -2.08 10.96
C LYS A 124 26.03 -2.28 12.42
N ASP A 125 26.58 -1.40 13.27
CA ASP A 125 26.23 -1.40 14.69
C ASP A 125 24.87 -0.76 14.92
N GLU A 126 24.49 0.17 14.05
CA GLU A 126 23.23 0.88 14.15
C GLU A 126 22.80 1.28 12.74
N VAL A 127 21.49 1.27 12.50
CA VAL A 127 20.92 1.71 11.23
C VAL A 127 19.69 2.55 11.51
N ASN A 128 19.35 3.39 10.54
CA ASN A 128 18.10 4.15 10.54
C ASN A 128 17.16 3.43 9.58
N VAL A 129 16.13 2.79 10.15
CA VAL A 129 15.36 1.78 9.42
C VAL A 129 14.65 2.39 8.22
N LEU A 130 13.99 3.53 8.42
CA LEU A 130 13.09 4.08 7.39
C LEU A 130 13.74 4.28 6.03
N PRO A 131 14.89 4.97 5.89
CA PRO A 131 15.48 5.10 4.55
C PRO A 131 15.88 3.78 3.92
N LEU A 132 16.30 2.80 4.73
CA LEU A 132 16.64 1.49 4.18
C LEU A 132 15.40 0.78 3.65
N VAL A 133 14.30 0.81 4.41
CA VAL A 133 13.07 0.19 3.95
C VAL A 133 12.57 0.84 2.66
N ARG A 134 12.64 2.18 2.60
CA ARG A 134 12.22 2.88 1.39
C ARG A 134 13.07 2.47 0.19
N GLU A 135 14.39 2.36 0.38
CA GLU A 135 15.25 1.90 -0.70
C GLU A 135 14.89 0.49 -1.13
N LEU A 136 14.76 -0.42 -0.16
CA LEU A 136 14.44 -1.81 -0.48
C LEU A 136 13.10 -1.92 -1.19
N VAL A 137 12.08 -1.24 -0.68
CA VAL A 137 10.75 -1.32 -1.27
C VAL A 137 10.77 -0.81 -2.71
N PHE A 138 11.39 0.34 -2.95
CA PHE A 138 11.42 0.86 -4.31
C PHE A 138 12.18 -0.08 -5.23
N ASN A 139 13.38 -0.51 -4.81
CA ASN A 139 14.21 -1.36 -5.67
C ASN A 139 13.50 -2.64 -6.05
N ILE A 140 12.71 -3.22 -5.13
CA ILE A 140 11.94 -4.40 -5.47
C ILE A 140 10.95 -4.09 -6.59
N SER A 141 10.28 -2.94 -6.50
CA SER A 141 9.39 -2.51 -7.57
C SER A 141 10.14 -2.34 -8.89
N ALA A 142 11.33 -1.71 -8.83
CA ALA A 142 12.11 -1.51 -10.04
C ALA A 142 12.49 -2.84 -10.69
N ILE A 143 12.90 -3.81 -9.88
CA ILE A 143 13.25 -5.12 -10.39
C ILE A 143 12.02 -5.83 -10.95
N LEU A 144 10.96 -5.93 -10.15
CA LEU A 144 9.79 -6.71 -10.53
C LEU A 144 8.92 -6.00 -11.57
N PHE A 145 8.90 -4.67 -11.61
CA PHE A 145 8.11 -3.99 -12.63
C PHE A 145 8.84 -3.92 -13.97
N PHE A 146 10.12 -3.53 -13.95
CA PHE A 146 10.83 -3.19 -15.17
C PHE A 146 12.09 -4.00 -15.41
N ASN A 147 12.47 -4.90 -14.48
CA ASN A 147 13.72 -5.66 -14.58
C ASN A 147 14.93 -4.73 -14.55
N ILE A 148 14.86 -3.68 -13.74
CA ILE A 148 15.93 -2.72 -13.61
C ILE A 148 16.72 -3.06 -12.35
N TYR A 149 17.94 -3.56 -12.55
CA TYR A 149 18.86 -3.86 -11.46
C TYR A 149 19.95 -2.83 -11.29
N ASP A 150 20.19 -2.00 -12.31
CA ASP A 150 21.22 -0.98 -12.25
C ASP A 150 20.92 0.00 -11.12
N LYS A 151 21.82 0.05 -10.13
CA LYS A 151 21.55 0.83 -8.92
C LYS A 151 21.39 2.32 -9.21
N GLN A 152 22.24 2.87 -10.09
CA GLN A 152 22.10 4.28 -10.44
C GLN A 152 20.77 4.56 -11.12
N GLU A 153 20.32 3.66 -11.97
CA GLU A 153 19.05 3.83 -12.63
C GLU A 153 17.91 3.70 -11.62
N GLN A 154 18.04 2.78 -10.68
CA GLN A 154 17.03 2.65 -9.63
C GLN A 154 16.92 3.93 -8.81
N ASP A 155 18.06 4.49 -8.42
CA ASP A 155 18.05 5.72 -7.62
C ASP A 155 17.47 6.89 -8.41
N ARG A 156 17.76 6.94 -9.70
CA ARG A 156 17.21 7.99 -10.56
C ARG A 156 15.68 7.94 -10.58
N LEU A 157 15.13 6.74 -10.81
CA LEU A 157 13.67 6.59 -10.79
C LEU A 157 13.11 6.84 -9.39
N HIS A 158 13.85 6.40 -8.36
CA HIS A 158 13.39 6.60 -6.98
C HIS A 158 13.25 8.08 -6.66
N LYS A 159 14.26 8.88 -7.02
CA LYS A 159 14.20 10.32 -6.80
C LYS A 159 13.03 10.94 -7.57
N LEU A 160 12.81 10.49 -8.81
CA LEU A 160 11.73 11.04 -9.61
C LEU A 160 10.37 10.79 -8.98
N LEU A 161 10.15 9.58 -8.46
CA LEU A 161 8.87 9.26 -7.83
C LEU A 161 8.65 10.08 -6.57
N GLU A 162 9.72 10.33 -5.80
CA GLU A 162 9.58 11.18 -4.61
C GLU A 162 9.08 12.57 -4.99
N THR A 163 9.62 13.14 -6.06
CA THR A 163 9.17 14.46 -6.52
C THR A 163 7.69 14.43 -6.90
N ILE A 164 7.26 13.37 -7.57
CA ILE A 164 5.85 13.26 -7.96
C ILE A 164 4.97 13.13 -6.73
N LEU A 165 5.40 12.34 -5.75
CA LEU A 165 4.59 12.11 -4.55
C LEU A 165 4.39 13.40 -3.75
N VAL A 166 5.32 14.34 -3.84
CA VAL A 166 5.18 15.61 -3.14
C VAL A 166 3.94 16.34 -3.62
N GLY A 167 3.70 16.33 -4.93
CA GLY A 167 2.56 17.03 -5.51
C GLY A 167 1.22 16.45 -5.13
N SER A 168 1.15 15.16 -4.78
CA SER A 168 -0.13 14.57 -4.45
C SER A 168 -0.68 15.09 -3.13
N PHE A 169 0.16 15.71 -2.30
CA PHE A 169 -0.30 16.32 -1.07
C PHE A 169 -0.17 17.84 -1.04
N ALA A 170 0.45 18.44 -2.04
CA ALA A 170 0.54 19.89 -2.08
C ALA A 170 -0.76 20.48 -2.64
N LEU A 171 -0.90 21.78 -2.48
CA LEU A 171 -2.04 22.47 -3.08
C LEU A 171 -1.96 22.35 -4.59
N PRO A 172 -3.05 21.99 -5.28
CA PRO A 172 -2.99 21.74 -6.72
C PRO A 172 -2.90 23.02 -7.54
N ILE A 173 -1.79 23.74 -7.39
CA ILE A 173 -1.52 24.97 -8.11
C ILE A 173 -0.46 24.68 -9.15
N ASP A 174 -0.86 24.62 -10.43
CA ASP A 174 0.05 24.30 -11.53
C ASP A 174 0.78 25.57 -11.99
N LEU A 175 1.60 26.11 -11.08
CA LEU A 175 2.36 27.31 -11.39
C LEU A 175 3.84 27.11 -11.13
N PRO A 176 4.72 27.79 -11.92
CA PRO A 176 6.16 27.50 -11.92
C PRO A 176 6.86 27.24 -10.59
N GLY A 177 6.43 27.85 -9.49
CA GLY A 177 7.19 27.69 -8.26
C GLY A 177 6.54 26.87 -7.19
N PHE A 178 5.50 26.11 -7.53
CA PHE A 178 4.75 25.32 -6.58
C PHE A 178 5.11 23.84 -6.66
N GLY A 179 4.87 23.14 -5.54
CA GLY A 179 5.19 21.72 -5.49
C GLY A 179 4.40 20.88 -6.47
N PHE A 180 3.13 21.23 -6.68
CA PHE A 180 2.30 20.48 -7.62
C PHE A 180 2.85 20.61 -9.04
N HIS A 181 3.32 21.80 -9.39
CA HIS A 181 3.92 22.01 -10.71
C HIS A 181 5.13 21.13 -10.93
N ARG A 182 6.04 21.08 -9.95
CA ARG A 182 7.23 20.24 -10.09
C ARG A 182 6.87 18.77 -10.19
N ALA A 183 5.82 18.35 -9.46
CA ALA A 183 5.35 16.97 -9.58
C ALA A 183 4.89 16.66 -11.00
N LEU A 184 4.12 17.58 -11.59
CA LEU A 184 3.66 17.39 -12.97
C LEU A 184 4.85 17.30 -13.93
N GLN A 185 5.90 18.09 -13.69
CA GLN A 185 7.10 17.96 -14.51
C GLN A 185 7.78 16.61 -14.28
N GLY A 186 7.83 16.16 -13.02
CA GLY A 186 8.40 14.85 -12.75
C GLY A 186 7.64 13.73 -13.43
N ARG A 187 6.31 13.82 -13.43
CA ARG A 187 5.50 12.83 -14.13
C ARG A 187 5.81 12.83 -15.63
N ALA A 188 6.03 14.00 -16.21
CA ALA A 188 6.38 14.07 -17.63
C ALA A 188 7.72 13.38 -17.90
N LYS A 189 8.71 13.60 -17.03
CA LYS A 189 9.98 12.90 -17.18
C LYS A 189 9.82 11.40 -17.05
N LEU A 190 9.03 10.96 -16.07
CA LEU A 190 8.82 9.52 -15.88
C LEU A 190 8.12 8.91 -17.08
N ASN A 191 7.12 9.60 -17.63
CA ASN A 191 6.43 9.11 -18.82
C ASN A 191 7.40 8.87 -19.98
N LYS A 192 8.34 9.81 -20.19
CA LYS A 192 9.30 9.63 -21.27
C LYS A 192 10.24 8.46 -20.98
N ILE A 193 10.65 8.30 -19.72
CA ILE A 193 11.50 7.17 -19.36
C ILE A 193 10.76 5.85 -19.58
N MET A 194 9.54 5.75 -19.07
CA MET A 194 8.77 4.53 -19.23
C MET A 194 8.43 4.26 -20.69
N LEU A 195 8.25 5.32 -21.49
CA LEU A 195 8.01 5.14 -22.92
C LEU A 195 9.20 4.47 -23.60
N SER A 196 10.42 4.87 -23.23
CA SER A 196 11.61 4.24 -23.79
C SER A 196 11.74 2.79 -23.32
N LEU A 197 11.34 2.50 -22.08
CA LEU A 197 11.39 1.13 -21.59
C LEU A 197 10.38 0.27 -22.33
N ILE A 198 9.21 0.83 -22.66
CA ILE A 198 8.21 0.10 -23.42
C ILE A 198 8.75 -0.26 -24.81
N LYS A 199 9.31 0.75 -25.48
CA LYS A 199 9.84 0.54 -26.85
C LYS A 199 10.91 -0.54 -26.82
N LYS A 200 11.94 -0.35 -25.98
CA LYS A 200 13.01 -1.34 -25.94
C LYS A 200 12.47 -2.72 -25.56
N ARG A 201 11.45 -2.75 -24.73
CA ARG A 201 10.91 -4.02 -24.34
C ARG A 201 10.23 -4.71 -25.51
N LYS A 202 9.47 -3.95 -26.27
CA LYS A 202 8.83 -4.52 -27.46
C LYS A 202 9.85 -5.15 -28.38
N GLU A 203 10.98 -4.48 -28.58
CA GLU A 203 12.05 -5.06 -29.40
C GLU A 203 12.63 -6.31 -28.74
N ASP A 204 12.93 -6.24 -27.44
CA ASP A 204 13.51 -7.38 -26.73
C ASP A 204 12.61 -8.60 -26.80
N LEU A 205 11.28 -8.41 -26.76
CA LEU A 205 10.38 -9.54 -26.87
C LEU A 205 10.42 -10.14 -28.28
N GLN A 206 10.49 -9.28 -29.30
CA GLN A 206 10.50 -9.76 -30.68
C GLN A 206 11.77 -10.52 -31.03
N SER A 207 12.89 -10.21 -30.37
CA SER A 207 14.15 -10.87 -30.64
C SER A 207 14.47 -12.00 -29.66
N GLY A 208 13.51 -12.36 -28.81
CA GLY A 208 13.76 -13.40 -27.82
C GLY A 208 14.77 -13.02 -26.76
N SER A 209 14.83 -11.75 -26.38
CA SER A 209 15.71 -11.30 -25.31
C SER A 209 14.97 -11.04 -24.00
N ALA A 210 13.64 -11.06 -24.04
CA ALA A 210 12.79 -10.94 -22.86
C ALA A 210 11.66 -11.95 -22.98
N THR A 211 11.11 -12.36 -21.84
CA THR A 211 9.98 -13.28 -21.85
C THR A 211 8.70 -12.52 -21.54
N ALA A 212 7.57 -13.20 -21.75
CA ALA A 212 6.27 -12.60 -21.52
C ALA A 212 5.89 -12.53 -20.05
N THR A 213 6.64 -13.20 -19.16
CA THR A 213 6.29 -13.27 -17.76
C THR A 213 7.38 -12.77 -16.82
N GLN A 214 8.50 -12.26 -17.35
CA GLN A 214 9.64 -11.95 -16.49
C GLN A 214 9.34 -10.83 -15.49
N ASP A 215 8.46 -9.91 -15.87
CA ASP A 215 8.12 -8.78 -15.01
C ASP A 215 6.77 -8.18 -15.35
N LEU A 216 6.37 -7.15 -14.63
CA LEU A 216 5.07 -6.53 -14.87
C LEU A 216 5.00 -5.89 -16.25
N LEU A 217 6.10 -5.28 -16.71
CA LEU A 217 6.11 -4.65 -18.02
C LEU A 217 5.78 -5.63 -19.12
N SER A 218 6.37 -6.83 -19.08
CA SER A 218 6.10 -7.83 -20.09
C SER A 218 4.67 -8.36 -19.99
N VAL A 219 4.18 -8.56 -18.75
CA VAL A 219 2.80 -9.04 -18.58
C VAL A 219 1.81 -8.08 -19.21
N LEU A 220 1.97 -6.79 -18.96
CA LEU A 220 1.02 -5.82 -19.49
C LEU A 220 1.18 -5.66 -20.99
N LEU A 221 2.41 -5.74 -21.50
CA LEU A 221 2.63 -5.61 -22.93
C LEU A 221 2.03 -6.78 -23.70
N THR A 222 2.09 -7.98 -23.14
CA THR A 222 1.59 -9.16 -23.83
C THR A 222 0.12 -9.44 -23.55
N PHE A 223 -0.52 -8.72 -22.64
CA PHE A 223 -1.94 -8.95 -22.37
C PHE A 223 -2.78 -8.55 -23.57
N ARG A 224 -3.83 -9.34 -23.82
CA ARG A 224 -4.86 -9.04 -24.80
C ARG A 224 -6.21 -9.34 -24.17
N ASP A 225 -7.20 -8.49 -24.41
CA ASP A 225 -8.51 -8.76 -23.85
C ASP A 225 -9.20 -9.86 -24.65
N ASP A 226 -10.46 -10.16 -24.31
CA ASP A 226 -11.19 -11.24 -24.97
C ASP A 226 -11.37 -11.00 -26.47
N LYS A 227 -11.29 -9.75 -26.93
CA LYS A 227 -11.43 -9.43 -28.34
C LYS A 227 -10.07 -9.20 -29.01
N GLY A 228 -8.98 -9.60 -28.34
CA GLY A 228 -7.66 -9.47 -28.90
C GLY A 228 -7.06 -8.08 -28.84
N THR A 229 -7.65 -7.16 -28.09
CA THR A 229 -7.13 -5.81 -28.01
C THR A 229 -6.02 -5.74 -26.96
N PRO A 230 -4.88 -5.16 -27.28
CA PRO A 230 -3.84 -4.92 -26.27
C PRO A 230 -4.08 -3.58 -25.58
N LEU A 231 -3.35 -3.37 -24.51
CA LEU A 231 -3.39 -2.08 -23.83
C LEU A 231 -2.59 -1.07 -24.62
N THR A 232 -3.05 0.19 -24.58
CA THR A 232 -2.32 1.23 -25.29
C THR A 232 -1.14 1.69 -24.43
N ASN A 233 -0.21 2.41 -25.08
CA ASN A 233 0.94 2.93 -24.34
C ASN A 233 0.51 3.83 -23.21
N ASP A 234 -0.51 4.66 -23.43
CA ASP A 234 -0.98 5.56 -22.38
C ASP A 234 -1.56 4.77 -21.21
N GLU A 235 -2.25 3.67 -21.50
CA GLU A 235 -2.80 2.83 -20.44
C GLU A 235 -1.68 2.15 -19.65
N ILE A 236 -0.61 1.73 -20.34
CA ILE A 236 0.51 1.11 -19.64
C ILE A 236 1.24 2.15 -18.80
N LEU A 237 1.48 3.34 -19.37
CA LEU A 237 2.15 4.40 -18.62
C LEU A 237 1.37 4.77 -17.36
N ASP A 238 0.07 5.03 -17.51
CA ASP A 238 -0.73 5.47 -16.37
C ASP A 238 -0.86 4.38 -15.32
N ASN A 239 -0.96 3.11 -15.75
CA ASN A 239 -1.02 2.03 -14.77
C ASN A 239 0.27 1.92 -13.98
N PHE A 240 1.42 2.04 -14.65
CA PHE A 240 2.70 2.01 -13.93
C PHE A 240 2.81 3.19 -12.97
N SER A 241 2.45 4.39 -13.43
CA SER A 241 2.43 5.55 -12.54
C SER A 241 1.54 5.29 -11.33
N SER A 242 0.32 4.82 -11.58
CA SER A 242 -0.60 4.54 -10.48
C SER A 242 -0.06 3.43 -9.57
N LEU A 243 0.53 2.38 -10.15
CA LEU A 243 1.06 1.28 -9.34
C LEU A 243 2.26 1.72 -8.51
N LEU A 244 3.05 2.66 -9.00
CA LEU A 244 4.15 3.19 -8.20
C LEU A 244 3.63 4.02 -7.03
N HIS A 245 2.64 4.87 -7.26
CA HIS A 245 1.98 5.59 -6.17
C HIS A 245 1.45 4.60 -5.13
N ALA A 246 0.76 3.56 -5.59
CA ALA A 246 0.06 2.65 -4.69
C ALA A 246 1.02 1.80 -3.87
N SER A 247 2.21 1.49 -4.40
CA SER A 247 3.07 0.48 -3.80
C SER A 247 4.15 1.03 -2.89
N TYR A 248 4.69 2.22 -3.18
CA TYR A 248 5.89 2.67 -2.49
C TYR A 248 5.60 3.14 -1.06
N ASP A 249 4.75 4.15 -0.91
CA ASP A 249 4.53 4.72 0.42
C ASP A 249 3.76 3.76 1.32
N THR A 250 2.85 2.97 0.76
CA THR A 250 2.02 2.08 1.59
C THR A 250 2.85 1.00 2.25
N THR A 251 3.57 0.19 1.45
CA THR A 251 4.34 -0.92 2.01
C THR A 251 5.41 -0.44 2.96
N THR A 252 5.95 0.76 2.74
CA THR A 252 6.97 1.30 3.63
C THR A 252 6.47 1.42 5.07
N SER A 253 5.17 1.70 5.26
CA SER A 253 4.65 1.90 6.61
C SER A 253 4.76 0.66 7.48
N PRO A 254 4.12 -0.48 7.16
CA PRO A 254 4.27 -1.64 8.06
C PRO A 254 5.70 -2.17 8.17
N MET A 255 6.47 -2.12 7.08
CA MET A 255 7.86 -2.57 7.15
C MET A 255 8.68 -1.72 8.11
N ALA A 256 8.47 -0.40 8.11
CA ALA A 256 9.21 0.47 9.02
C ALA A 256 8.71 0.38 10.46
N LEU A 257 7.42 0.09 10.65
CA LEU A 257 6.84 0.08 11.99
C LEU A 257 6.88 -1.29 12.66
N ILE A 258 6.96 -2.38 11.89
CA ILE A 258 6.74 -3.71 12.46
C ILE A 258 7.71 -3.98 13.60
N PHE A 259 8.99 -3.67 13.41
CA PHE A 259 9.97 -3.93 14.46
C PHE A 259 9.95 -2.87 15.55
N LYS A 260 9.32 -1.72 15.30
CA LYS A 260 9.09 -0.77 16.38
C LYS A 260 8.05 -1.30 17.36
N LEU A 261 6.92 -1.77 16.83
CA LEU A 261 5.89 -2.34 17.69
C LEU A 261 6.38 -3.60 18.38
N LEU A 262 7.15 -4.44 17.66
CA LEU A 262 7.66 -5.67 18.26
C LEU A 262 8.64 -5.38 19.39
N SER A 263 9.38 -4.27 19.31
CA SER A 263 10.30 -3.94 20.39
C SER A 263 9.56 -3.48 21.64
N SER A 264 8.34 -2.96 21.47
CA SER A 264 7.52 -2.58 22.61
C SER A 264 6.72 -3.74 23.17
N ASN A 265 6.67 -4.86 22.45
CA ASN A 265 5.93 -6.06 22.85
C ASN A 265 6.84 -7.27 22.66
N PRO A 266 7.88 -7.39 23.49
CA PRO A 266 8.90 -8.42 23.25
C PRO A 266 8.37 -9.85 23.19
N GLU A 267 7.27 -10.14 23.90
CA GLU A 267 6.72 -11.49 23.86
C GLU A 267 6.26 -11.85 22.45
N CYS A 268 5.72 -10.87 21.72
CA CYS A 268 5.34 -11.11 20.33
C CYS A 268 6.57 -11.31 19.45
N TYR A 269 7.65 -10.54 19.70
CA TYR A 269 8.88 -10.77 18.97
C TYR A 269 9.42 -12.17 19.24
N GLN A 270 9.33 -12.63 20.48
CA GLN A 270 9.75 -13.99 20.81
C GLN A 270 9.03 -15.01 19.95
N LYS A 271 7.72 -14.87 19.78
CA LYS A 271 6.97 -15.83 18.96
C LYS A 271 7.31 -15.69 17.48
N VAL A 272 7.67 -14.50 17.02
CA VAL A 272 8.09 -14.36 15.63
C VAL A 272 9.40 -15.10 15.40
N VAL A 273 10.37 -14.91 16.30
CA VAL A 273 11.66 -15.58 16.19
C VAL A 273 11.47 -17.08 16.17
N GLN A 274 10.68 -17.61 17.10
CA GLN A 274 10.50 -19.06 17.18
C GLN A 274 9.88 -19.61 15.89
N GLU A 275 8.90 -18.89 15.34
CA GLU A 275 8.30 -19.33 14.07
C GLU A 275 9.32 -19.34 12.94
N GLN A 276 10.09 -18.25 12.82
CA GLN A 276 11.05 -18.15 11.72
C GLN A 276 12.19 -19.14 11.88
N LEU A 277 12.70 -19.31 13.11
CA LEU A 277 13.78 -20.25 13.34
C LEU A 277 13.32 -21.69 13.13
N GLU A 278 12.07 -21.99 13.49
CA GLU A 278 11.53 -23.33 13.23
C GLU A 278 11.48 -23.62 11.73
N ILE A 279 11.12 -22.61 10.93
CA ILE A 279 11.11 -22.80 9.48
C ILE A 279 12.51 -23.07 8.97
N LEU A 280 13.52 -22.38 9.52
CA LEU A 280 14.90 -22.61 9.09
C LEU A 280 15.42 -23.96 9.56
N SER A 281 14.96 -24.44 10.71
CA SER A 281 15.40 -25.75 11.19
C SER A 281 15.08 -26.87 10.21
N ASN A 282 13.99 -26.69 9.44
CA ASN A 282 13.53 -27.77 8.52
C ASN A 282 14.05 -27.55 7.10
N LYS A 283 15.09 -26.72 6.94
CA LYS A 283 15.69 -26.50 5.63
C LYS A 283 17.19 -26.75 5.72
N GLU A 284 17.76 -27.22 4.60
CA GLU A 284 19.20 -27.34 4.52
C GLU A 284 19.81 -25.97 4.23
N GLU A 285 21.02 -25.76 4.73
CA GLU A 285 21.67 -24.47 4.53
C GLU A 285 21.90 -24.21 3.05
N GLY A 286 21.61 -22.97 2.62
CA GLY A 286 21.64 -22.59 1.23
C GLY A 286 20.32 -22.77 0.51
N GLU A 287 19.41 -23.57 1.06
CA GLU A 287 18.08 -23.74 0.49
C GLU A 287 17.30 -22.44 0.57
N GLU A 288 16.74 -22.02 -0.56
CA GLU A 288 16.01 -20.77 -0.60
C GLU A 288 14.65 -20.91 0.09
N ILE A 289 14.16 -19.80 0.64
CA ILE A 289 12.80 -19.76 1.16
C ILE A 289 11.84 -20.03 0.00
N THR A 290 10.78 -20.77 0.27
CA THR A 290 9.83 -21.13 -0.76
C THR A 290 8.46 -20.54 -0.45
N TRP A 291 7.58 -20.61 -1.45
CA TRP A 291 6.19 -20.21 -1.26
C TRP A 291 5.53 -21.03 -0.16
N LYS A 292 5.98 -22.27 0.02
CA LYS A 292 5.40 -23.08 1.08
C LYS A 292 5.91 -22.55 2.41
N ASP A 293 7.18 -22.19 2.48
CA ASP A 293 7.68 -21.56 3.71
C ASP A 293 6.89 -20.30 4.04
N LEU A 294 6.56 -19.54 3.01
CA LEU A 294 5.83 -18.30 3.20
C LEU A 294 4.51 -18.54 3.89
N LYS A 295 3.76 -19.53 3.43
CA LYS A 295 2.47 -19.84 4.01
C LYS A 295 2.59 -20.36 5.44
N ALA A 296 3.78 -20.79 5.85
CA ALA A 296 3.99 -21.24 7.22
C ALA A 296 4.27 -20.11 8.19
N MET A 297 4.38 -18.87 7.70
CA MET A 297 4.66 -17.72 8.57
C MET A 297 3.35 -17.10 9.10
N LYS A 298 2.52 -17.93 9.72
CA LYS A 298 1.18 -17.50 10.12
C LYS A 298 1.24 -16.41 11.19
N TYR A 299 2.02 -16.62 12.25
CA TYR A 299 2.07 -15.61 13.30
C TYR A 299 2.72 -14.33 12.81
N THR A 300 3.76 -14.44 11.99
CA THR A 300 4.39 -13.25 11.42
C THR A 300 3.37 -12.43 10.64
N TRP A 301 2.52 -13.07 9.85
CA TRP A 301 1.47 -12.35 9.14
C TRP A 301 0.42 -11.79 10.11
N GLN A 302 0.22 -12.43 11.25
CA GLN A 302 -0.69 -11.86 12.25
C GLN A 302 -0.10 -10.57 12.83
N VAL A 303 1.21 -10.56 13.05
CA VAL A 303 1.87 -9.34 13.53
C VAL A 303 1.75 -8.23 12.49
N ALA A 304 1.95 -8.56 11.22
CA ALA A 304 1.82 -7.55 10.17
C ALA A 304 0.41 -6.98 10.11
N GLN A 305 -0.61 -7.85 10.26
CA GLN A 305 -1.99 -7.37 10.24
C GLN A 305 -2.28 -6.44 11.40
N GLU A 306 -1.81 -6.78 12.61
CA GLU A 306 -2.05 -5.93 13.77
C GLU A 306 -1.34 -4.59 13.63
N THR A 307 -0.18 -4.58 12.94
CA THR A 307 0.46 -3.31 12.60
C THR A 307 -0.44 -2.49 11.69
N LEU A 308 -1.05 -3.12 10.70
CA LEU A 308 -1.95 -2.43 9.78
C LEU A 308 -3.21 -1.94 10.49
N ARG A 309 -3.72 -2.69 11.47
CA ARG A 309 -4.91 -2.23 12.19
C ARG A 309 -4.62 -0.94 12.95
N MET A 310 -3.52 -0.92 13.71
CA MET A 310 -3.24 0.25 14.55
C MET A 310 -2.78 1.45 13.74
N PHE A 311 -2.05 1.24 12.64
CA PHE A 311 -1.52 2.32 11.82
C PHE A 311 -1.82 2.07 10.35
N PRO A 312 -3.07 2.27 9.93
CA PRO A 312 -3.43 1.99 8.53
C PRO A 312 -2.73 2.97 7.60
N PRO A 313 -2.02 2.46 6.59
CA PRO A 313 -1.35 3.36 5.64
C PRO A 313 -2.34 4.15 4.81
N VAL A 314 -3.54 3.62 4.61
CA VAL A 314 -4.60 4.26 3.83
C VAL A 314 -5.81 4.43 4.74
N PHE A 315 -6.06 5.67 5.18
CA PHE A 315 -7.17 5.92 6.11
C PHE A 315 -8.52 5.62 5.49
N GLY A 316 -8.63 5.67 4.17
CA GLY A 316 -9.89 5.40 3.49
C GLY A 316 -9.83 5.96 2.07
N THR A 317 -11.01 6.14 1.48
CA THR A 317 -11.08 6.53 0.08
C THR A 317 -12.52 6.85 -0.29
N PHE A 318 -12.70 7.35 -1.51
CA PHE A 318 -13.91 8.06 -1.93
C PHE A 318 -14.61 7.34 -3.07
N ARG A 319 -15.92 7.57 -3.15
CA ARG A 319 -16.76 7.07 -4.23
C ARG A 319 -17.73 8.18 -4.62
N LYS A 320 -18.43 7.98 -5.74
CA LYS A 320 -19.43 8.92 -6.22
C LYS A 320 -20.75 8.19 -6.44
N ALA A 321 -21.83 8.79 -5.97
CA ALA A 321 -23.17 8.21 -6.12
C ALA A 321 -23.63 8.34 -7.57
N ILE A 322 -23.69 7.20 -8.26
CA ILE A 322 -24.10 7.19 -9.70
C ILE A 322 -25.62 6.97 -9.77
N THR A 323 -26.29 6.93 -8.62
CA THR A 323 -27.76 6.77 -8.58
C THR A 323 -28.25 7.27 -7.23
N ASP A 324 -29.51 7.73 -7.15
CA ASP A 324 -30.06 8.11 -5.81
C ASP A 324 -30.12 6.83 -4.97
N ILE A 325 -29.46 6.83 -3.82
CA ILE A 325 -29.41 5.58 -2.99
C ILE A 325 -30.17 5.80 -1.69
N GLN A 326 -31.02 4.84 -1.31
CA GLN A 326 -31.79 4.95 -0.05
C GLN A 326 -31.03 4.19 1.05
N TYR A 327 -30.54 4.91 2.06
CA TYR A 327 -29.75 4.26 3.14
C TYR A 327 -30.15 4.84 4.50
N ASP A 328 -30.39 3.97 5.48
CA ASP A 328 -30.72 4.43 6.86
C ASP A 328 -31.80 5.52 6.79
N GLY A 329 -32.85 5.31 5.99
CA GLY A 329 -33.91 6.29 5.97
C GLY A 329 -33.63 7.51 5.12
N TYR A 330 -32.36 7.79 4.82
CA TYR A 330 -31.96 8.95 4.06
C TYR A 330 -31.76 8.58 2.58
N THR A 331 -31.59 9.62 1.76
CA THR A 331 -31.39 9.39 0.31
C THR A 331 -30.12 10.10 -0.15
N ILE A 332 -29.03 9.36 -0.34
CA ILE A 332 -27.78 10.00 -0.87
C ILE A 332 -28.03 10.31 -2.36
N PRO A 333 -28.11 11.60 -2.76
CA PRO A 333 -28.42 11.96 -4.14
C PRO A 333 -27.29 11.59 -5.12
N LYS A 334 -27.66 11.22 -6.35
CA LYS A 334 -26.64 10.90 -7.38
C LYS A 334 -25.76 12.13 -7.60
N GLY A 335 -24.44 11.92 -7.78
CA GLY A 335 -23.51 13.05 -7.95
C GLY A 335 -22.85 13.43 -6.64
N TRP A 336 -23.40 12.94 -5.52
CA TRP A 336 -22.81 13.21 -4.19
C TRP A 336 -21.58 12.30 -3.98
N LYS A 337 -20.74 12.64 -3.01
CA LYS A 337 -19.52 11.83 -2.74
C LYS A 337 -19.73 11.02 -1.46
N LEU A 338 -19.15 9.81 -1.42
CA LEU A 338 -19.26 8.96 -0.24
C LEU A 338 -17.87 8.62 0.25
N LEU A 339 -17.70 8.52 1.56
CA LEU A 339 -16.40 8.21 2.15
C LEU A 339 -16.57 7.17 3.24
N TRP A 340 -15.67 6.19 3.26
CA TRP A 340 -15.53 5.25 4.34
C TRP A 340 -14.13 5.39 4.92
N THR A 341 -13.98 5.01 6.18
CA THR A 341 -12.68 5.12 6.84
C THR A 341 -12.46 3.94 7.76
N THR A 342 -11.20 3.50 7.85
CA THR A 342 -10.82 2.49 8.83
C THR A 342 -10.97 3.01 10.24
N TYR A 343 -10.98 4.32 10.43
CA TYR A 343 -11.08 4.92 11.75
C TYR A 343 -12.44 4.69 12.41
N SER A 344 -13.43 4.21 11.66
CA SER A 344 -14.70 3.89 12.30
C SER A 344 -14.71 2.49 12.89
N THR A 345 -13.79 1.60 12.49
CA THR A 345 -13.70 0.29 13.13
C THR A 345 -12.35 -0.06 13.72
N HIS A 346 -11.24 0.31 13.06
CA HIS A 346 -9.91 -0.12 13.52
C HIS A 346 -9.60 0.27 14.95
N PRO A 347 -9.78 1.53 15.38
CA PRO A 347 -9.40 1.92 16.74
C PRO A 347 -10.50 1.77 17.79
N LYS A 348 -11.61 1.13 17.45
CA LYS A 348 -12.78 1.11 18.31
C LYS A 348 -12.79 -0.13 19.19
N ASP A 349 -13.01 0.08 20.49
CA ASP A 349 -13.11 -1.01 21.45
C ASP A 349 -14.27 -1.95 21.11
N LEU A 350 -15.33 -1.41 20.50
CA LEU A 350 -16.50 -2.21 20.18
C LEU A 350 -16.17 -3.36 19.25
N TYR A 351 -15.25 -3.13 18.32
CA TYR A 351 -14.84 -4.15 17.35
C TYR A 351 -13.55 -4.84 17.71
N PHE A 352 -12.60 -4.14 18.32
CA PHE A 352 -11.32 -4.72 18.74
C PHE A 352 -11.12 -4.31 20.20
N ASN A 353 -11.42 -5.24 21.10
CA ASN A 353 -11.31 -4.98 22.53
C ASN A 353 -9.91 -4.52 22.92
N GLU A 354 -9.84 -3.51 23.77
CA GLU A 354 -8.60 -2.84 24.11
C GLU A 354 -7.86 -2.44 22.84
N PRO A 355 -8.46 -1.55 22.03
CA PRO A 355 -7.90 -1.25 20.70
C PRO A 355 -6.48 -0.69 20.75
N GLU A 356 -6.11 -0.05 21.85
CA GLU A 356 -4.80 0.58 21.97
C GLU A 356 -3.70 -0.43 22.27
N LYS A 357 -4.03 -1.70 22.47
CA LYS A 357 -3.07 -2.73 22.79
C LYS A 357 -2.72 -3.51 21.53
N PHE A 358 -1.43 -3.83 21.39
CA PHE A 358 -0.92 -4.58 20.24
C PHE A 358 -1.08 -6.07 20.54
N MET A 359 -2.04 -6.71 19.88
CA MET A 359 -2.38 -8.11 20.12
C MET A 359 -2.49 -8.84 18.78
N PRO A 360 -1.40 -9.46 18.32
CA PRO A 360 -1.49 -10.24 17.06
C PRO A 360 -2.44 -11.41 17.16
N SER A 361 -2.81 -11.83 18.38
CA SER A 361 -3.77 -12.92 18.57
C SER A 361 -5.16 -12.59 18.06
N ARG A 362 -5.45 -11.32 17.74
CA ARG A 362 -6.77 -11.01 17.18
C ARG A 362 -6.98 -11.70 15.85
N PHE A 363 -5.89 -11.99 15.13
CA PHE A 363 -5.95 -12.60 13.82
C PHE A 363 -5.58 -14.08 13.86
N ASP A 364 -5.79 -14.72 15.01
CA ASP A 364 -5.53 -16.15 15.14
C ASP A 364 -6.44 -16.94 14.20
N GLN A 365 -5.94 -18.11 13.80
CA GLN A 365 -6.63 -18.99 12.85
C GLN A 365 -7.04 -18.22 11.60
N GLU A 366 -6.03 -17.61 10.97
CA GLU A 366 -6.18 -16.89 9.70
C GLU A 366 -7.33 -15.89 9.75
N GLY A 367 -7.48 -15.21 10.87
CA GLY A 367 -8.48 -14.17 11.00
C GLY A 367 -9.91 -14.65 11.13
N LYS A 368 -10.10 -15.92 11.55
CA LYS A 368 -11.44 -16.50 11.64
C LYS A 368 -12.39 -15.64 12.47
N HIS A 369 -11.88 -15.00 13.53
CA HIS A 369 -12.72 -14.35 14.53
C HIS A 369 -12.92 -12.86 14.28
N VAL A 370 -12.46 -12.35 13.14
CA VAL A 370 -12.63 -10.94 12.80
C VAL A 370 -13.98 -10.77 12.10
N ALA A 371 -14.80 -9.88 12.63
CA ALA A 371 -16.13 -9.65 12.06
C ALA A 371 -16.00 -9.01 10.67
N PRO A 372 -16.97 -9.26 9.78
CA PRO A 372 -16.89 -8.69 8.44
C PRO A 372 -16.90 -7.16 8.45
N TYR A 373 -16.13 -6.58 7.54
CA TYR A 373 -16.07 -5.13 7.32
C TYR A 373 -15.64 -4.37 8.57
N THR A 374 -14.80 -4.98 9.40
CA THR A 374 -14.22 -4.30 10.55
C THR A 374 -12.71 -4.10 10.42
N PHE A 375 -12.02 -5.00 9.70
CA PHE A 375 -10.59 -4.86 9.43
C PHE A 375 -10.44 -4.73 7.92
N LEU A 376 -10.10 -3.52 7.45
CA LEU A 376 -10.11 -3.24 6.02
C LEU A 376 -8.86 -2.49 5.58
N PRO A 377 -7.64 -2.95 5.88
CA PRO A 377 -6.46 -2.20 5.45
C PRO A 377 -6.31 -2.16 3.94
N PHE A 378 -6.91 -3.10 3.21
CA PHE A 378 -6.83 -3.18 1.76
C PHE A 378 -8.17 -2.90 1.09
N GLY A 379 -9.11 -2.29 1.81
CA GLY A 379 -10.41 -2.05 1.25
C GLY A 379 -11.19 -3.34 1.02
N GLY A 380 -12.06 -3.31 0.03
CA GLY A 380 -12.88 -4.47 -0.28
C GLY A 380 -13.70 -4.21 -1.52
N GLY A 381 -14.31 -5.28 -2.03
CA GLY A 381 -15.13 -5.16 -3.21
C GLY A 381 -14.31 -5.11 -4.49
N GLN A 382 -14.95 -4.59 -5.54
CA GLN A 382 -14.31 -4.56 -6.85
C GLN A 382 -13.09 -3.65 -6.89
N ARG A 383 -12.94 -2.76 -5.92
CA ARG A 383 -11.82 -1.84 -5.87
C ARG A 383 -10.79 -2.21 -4.82
N SER A 384 -10.84 -3.43 -4.30
CA SER A 384 -9.90 -3.86 -3.26
C SER A 384 -8.47 -3.87 -3.80
N CYS A 385 -7.52 -3.68 -2.88
CA CYS A 385 -6.10 -3.54 -3.22
C CYS A 385 -5.62 -4.61 -4.18
N VAL A 386 -5.06 -4.16 -5.31
CA VAL A 386 -4.51 -5.08 -6.30
C VAL A 386 -3.26 -5.78 -5.77
N GLY A 387 -2.45 -5.09 -4.99
CA GLY A 387 -1.13 -5.58 -4.60
C GLY A 387 -0.96 -6.10 -3.19
N TRP A 388 -2.05 -6.36 -2.46
CA TRP A 388 -1.93 -6.72 -1.05
C TRP A 388 -1.06 -7.95 -0.85
N GLU A 389 -1.21 -8.97 -1.70
CA GLU A 389 -0.42 -10.19 -1.54
C GLU A 389 1.03 -9.96 -1.95
N PHE A 390 1.26 -9.00 -2.84
CA PHE A 390 2.62 -8.56 -3.16
C PHE A 390 3.27 -7.92 -1.93
N SER A 391 2.53 -7.04 -1.24
CA SER A 391 3.05 -6.43 -0.02
C SER A 391 3.29 -7.47 1.06
N LYS A 392 2.35 -8.40 1.24
CA LYS A 392 2.51 -9.43 2.25
C LYS A 392 3.78 -10.23 2.04
N MET A 393 4.10 -10.52 0.79
CA MET A 393 5.32 -11.25 0.48
C MET A 393 6.54 -10.45 0.88
N GLU A 394 6.56 -9.16 0.60
CA GLU A 394 7.70 -8.32 0.96
C GLU A 394 7.90 -8.27 2.47
N ILE A 395 6.81 -8.05 3.21
CA ILE A 395 6.91 -7.94 4.66
C ILE A 395 7.43 -9.23 5.28
N LEU A 396 6.87 -10.37 4.87
CA LEU A 396 7.25 -11.65 5.47
C LEU A 396 8.70 -12.00 5.19
N LEU A 397 9.16 -11.80 3.95
CA LEU A 397 10.55 -12.09 3.61
C LEU A 397 11.50 -11.15 4.35
N PHE A 398 11.13 -9.88 4.45
CA PHE A 398 11.94 -8.90 5.18
C PHE A 398 12.08 -9.31 6.64
N VAL A 399 10.96 -9.61 7.30
CA VAL A 399 11.00 -10.09 8.68
C VAL A 399 11.86 -11.35 8.79
N HIS A 400 11.65 -12.31 7.87
CA HIS A 400 12.40 -13.56 7.92
C HIS A 400 13.90 -13.32 7.88
N HIS A 401 14.37 -12.54 6.90
CA HIS A 401 15.80 -12.33 6.74
C HIS A 401 16.38 -11.49 7.88
N PHE A 402 15.61 -10.56 8.43
CA PHE A 402 16.08 -9.81 9.59
C PHE A 402 16.28 -10.74 10.79
N VAL A 403 15.27 -11.56 11.09
CA VAL A 403 15.36 -12.50 12.22
C VAL A 403 16.48 -13.51 11.98
N LYS A 404 16.65 -13.92 10.72
CA LYS A 404 17.74 -14.83 10.39
C LYS A 404 19.10 -14.19 10.66
N THR A 405 19.23 -12.89 10.37
CA THR A 405 20.52 -12.23 10.47
C THR A 405 20.86 -11.82 11.90
N PHE A 406 19.88 -11.41 12.69
CA PHE A 406 20.14 -10.75 13.97
C PHE A 406 19.61 -11.55 15.15
N SER A 407 20.42 -11.63 16.20
CA SER A 407 19.97 -12.21 17.47
C SER A 407 19.01 -11.28 18.19
N SER A 408 19.26 -9.97 18.11
CA SER A 408 18.48 -8.99 18.86
C SER A 408 18.71 -7.62 18.26
N TYR A 409 17.95 -6.65 18.75
CA TYR A 409 18.10 -5.26 18.36
C TYR A 409 17.52 -4.40 19.49
N THR A 410 17.95 -3.15 19.52
CA THR A 410 17.51 -2.24 20.58
C THR A 410 17.22 -0.87 19.99
N PRO A 411 16.01 -0.35 20.17
CA PRO A 411 15.72 1.00 19.66
C PRO A 411 16.59 2.04 20.35
N VAL A 412 17.07 3.00 19.56
CA VAL A 412 17.88 4.08 20.13
C VAL A 412 16.99 5.01 20.96
N ASP A 413 15.74 5.19 20.55
CA ASP A 413 14.78 6.05 21.25
C ASP A 413 13.51 5.24 21.43
N PRO A 414 13.35 4.56 22.57
CA PRO A 414 12.14 3.76 22.80
C PRO A 414 10.86 4.59 22.81
N ASP A 415 10.95 5.90 23.04
CA ASP A 415 9.79 6.77 23.11
C ASP A 415 9.54 7.53 21.81
N GLU A 416 10.24 7.12 20.74
CA GLU A 416 10.09 7.76 19.42
C GLU A 416 8.60 7.77 19.04
N LYS A 417 8.12 8.88 18.49
CA LYS A 417 6.67 9.00 18.17
C LYS A 417 6.40 8.40 16.79
N ILE A 418 5.15 8.01 16.53
CA ILE A 418 4.77 7.48 15.18
C ILE A 418 3.73 8.45 14.61
N SER A 419 4.19 9.52 13.95
CA SER A 419 3.28 10.47 13.28
C SER A 419 3.38 10.30 11.75
N GLY A 420 2.64 11.11 11.01
CA GLY A 420 2.71 11.08 9.54
C GLY A 420 1.72 12.24 9.60
N ASP A 421 2.01 13.34 8.90
CA ASP A 421 1.02 14.33 8.41
C ASP A 421 0.56 13.85 7.03
N PRO A 422 1.47 13.54 6.08
CA PRO A 422 1.06 12.97 4.80
C PRO A 422 0.44 11.61 5.16
N LEU A 423 -0.50 11.13 4.35
CA LEU A 423 -1.24 9.88 4.69
C LEU A 423 -0.34 8.83 5.38
N PRO A 424 0.83 8.45 4.82
CA PRO A 424 1.63 7.34 5.40
C PRO A 424 2.10 7.56 6.85
N PRO A 425 1.65 6.74 7.83
CA PRO A 425 2.14 6.84 9.21
C PRO A 425 3.51 6.15 9.31
N LEU A 426 4.52 6.86 9.84
CA LEU A 426 5.89 6.30 9.88
C LEU A 426 6.60 6.73 11.17
N PRO A 427 7.72 6.08 11.57
CA PRO A 427 8.49 6.51 12.74
C PRO A 427 8.99 7.94 12.54
N SER A 428 8.69 8.80 13.53
CA SER A 428 8.95 10.23 13.38
C SER A 428 10.43 10.55 13.19
N LYS A 429 11.34 9.69 13.67
CA LYS A 429 12.77 9.90 13.50
C LYS A 429 13.44 8.82 12.67
N GLY A 430 12.66 8.01 11.96
CA GLY A 430 13.23 6.96 11.13
C GLY A 430 13.53 5.65 11.83
N PHE A 431 13.25 5.54 13.13
CA PHE A 431 13.41 4.29 13.88
C PHE A 431 14.84 3.75 13.82
N SER A 432 15.76 4.53 14.40
CA SER A 432 17.13 4.07 14.58
C SER A 432 17.19 2.96 15.63
N ILE A 433 17.94 1.90 15.32
CA ILE A 433 18.09 0.74 16.21
C ILE A 433 19.55 0.31 16.23
N LYS A 434 20.00 -0.17 17.39
CA LYS A 434 21.26 -0.88 17.48
C LYS A 434 21.04 -2.35 17.12
N LEU A 435 22.02 -2.95 16.45
CA LEU A 435 21.86 -4.30 15.91
C LEU A 435 22.86 -5.25 16.55
N PHE A 436 22.42 -6.50 16.72
CA PHE A 436 23.25 -7.59 17.24
C PHE A 436 23.20 -8.76 16.28
N PRO A 437 24.19 -8.89 15.39
CA PRO A 437 24.16 -10.00 14.43
C PRO A 437 24.40 -11.34 15.11
N ARG A 438 23.77 -12.38 14.57
CA ARG A 438 24.02 -13.72 15.07
C ARG A 438 25.47 -14.12 14.77
N PRO A 439 26.16 -14.78 15.72
CA PRO A 439 27.56 -15.13 15.53
C PRO A 439 27.76 -16.26 14.52
#